data_1GVK
#
_entry.id   1GVK
#
_cell.length_a   50.176
_cell.length_b   57.778
_cell.length_c   74.409
_cell.angle_alpha   90.00
_cell.angle_beta   90.00
_cell.angle_gamma   90.00
#
_symmetry.space_group_name_H-M   'P 21 21 21'
#
loop_
_entity.id
_entity.type
_entity.pdbx_description
1 polymer 'PEPTIDE INHIBITOR'
2 polymer 'ELASTASE 1'
3 non-polymer 'SULFATE ION'
4 non-polymer 'CALCIUM ION'
5 water water
#
loop_
_entity_poly.entity_id
_entity_poly.type
_entity_poly.pdbx_seq_one_letter_code
_entity_poly.pdbx_strand_id
1 'polypeptide(L)' (ACE)NPI A
2 'polypeptide(L)'
;VVGGTEAQRNSWPSQISLQYRSGSSWAHTCGGTLIRQNWVMTAAHCVDRELTFRVVVGEHNLNQNNGTEQYVGVQKIVVH
PYWNTDDVAAGYDIALLRLAQSVTLNSYVQLGVLPRAGTILANNSPCYITGWGLTRTNGQLAQTLQQAYLPTVDYAICSS
SSYWGSTVKNSMVCAGGDGVRSGCQGDSGGPLHCLVNGQYAVHGVTSFVSRLGCNVTRKPTVFTRVSAYISWINNVIASN
;
B
#
loop_
_chem_comp.id
_chem_comp.type
_chem_comp.name
_chem_comp.formula
ACE non-polymer 'ACETYL GROUP' 'C2 H4 O'
CA non-polymer 'CALCIUM ION' 'Ca 2'
SO4 non-polymer 'SULFATE ION' 'O4 S -2'
#
# COMPACT_ATOMS: atom_id res chain seq x y z
C ACE A 1 4.69 -5.77 13.43
O ACE A 1 5.81 -6.21 13.21
CH3 ACE A 1 4.39 -4.64 14.39
H1 ACE A 1 3.43 -4.45 14.39
H2 ACE A 1 4.89 -3.84 14.12
H3 ACE A 1 4.67 -4.90 15.29
N ASN A 2 3.66 -6.26 12.75
CA ASN A 2 3.56 -7.37 11.79
C ASN A 2 3.43 -6.79 10.38
N PRO A 3 4.41 -6.95 9.51
CA PRO A 3 4.22 -6.42 8.14
C PRO A 3 3.01 -7.07 7.46
N ILE A 4 2.26 -6.27 6.71
CA ILE A 4 1.13 -6.82 5.97
C ILE A 4 1.09 -6.41 4.47
N VAL B 1 -8.21 -6.15 3.58
CA VAL B 1 -8.94 -5.09 4.30
C VAL B 1 -10.05 -5.75 5.10
N VAL B 2 -10.00 -5.57 6.40
CA VAL B 2 -11.03 -6.03 7.32
C VAL B 2 -12.05 -4.93 7.43
N GLY B 3 -13.35 -5.30 7.37
CA GLY B 3 -14.38 -4.27 7.55
C GLY B 3 -14.52 -3.36 6.37
N GLY B 4 -14.11 -3.77 5.19
CA GLY B 4 -14.24 -3.06 3.96
C GLY B 4 -15.59 -3.12 3.31
N THR B 5 -15.70 -2.38 2.23
CA THR B 5 -16.77 -2.49 1.28
C THR B 5 -16.12 -2.68 -0.10
N GLU B 6 -16.83 -3.28 -1.03
N GLU B 6 -16.89 -3.19 -1.02
CA GLU B 6 -16.29 -3.49 -2.35
CA GLU B 6 -16.34 -3.48 -2.34
C GLU B 6 -16.14 -2.12 -3.04
C GLU B 6 -16.18 -2.20 -3.16
N ALA B 7 -14.98 -1.86 -3.59
CA ALA B 7 -14.75 -0.66 -4.34
C ALA B 7 -15.47 -0.68 -5.69
N GLN B 8 -15.94 0.45 -6.14
N GLN B 8 -15.92 0.47 -6.12
CA GLN B 8 -16.33 0.55 -7.55
CA GLN B 8 -16.28 0.62 -7.53
C GLN B 8 -15.09 0.45 -8.43
C GLN B 8 -15.03 0.33 -8.38
N ARG B 9 -15.20 -0.16 -9.62
CA ARG B 9 -13.98 -0.59 -10.35
C ARG B 9 -13.18 0.58 -10.92
N ASN B 10 -13.74 1.79 -10.94
CA ASN B 10 -12.95 2.92 -11.44
C ASN B 10 -12.70 3.90 -10.32
N SER B 11 -12.88 3.56 -9.06
CA SER B 11 -12.58 4.54 -7.99
C SER B 11 -11.12 4.79 -7.72
N TRP B 12 -10.31 3.73 -7.83
CA TRP B 12 -8.90 3.72 -7.39
C TRP B 12 -8.03 3.21 -8.47
N PRO B 13 -7.94 3.90 -9.62
CA PRO B 13 -7.26 3.37 -10.79
C PRO B 13 -5.75 3.30 -10.67
N SER B 14 -5.15 3.85 -9.61
CA SER B 14 -3.72 3.70 -9.39
C SER B 14 -3.37 2.47 -8.58
N GLN B 15 -4.36 1.77 -8.02
CA GLN B 15 -4.09 0.56 -7.27
C GLN B 15 -3.61 -0.52 -8.20
N ILE B 16 -2.54 -1.25 -7.80
CA ILE B 16 -2.06 -2.40 -8.56
C ILE B 16 -2.06 -3.60 -7.62
N SER B 17 -2.03 -4.79 -8.26
CA SER B 17 -1.81 -6.05 -7.58
C SER B 17 -0.37 -6.52 -7.92
N LEU B 18 0.43 -6.71 -6.90
CA LEU B 18 1.78 -7.26 -7.02
C LEU B 18 1.69 -8.75 -6.74
N GLN B 19 2.12 -9.56 -7.71
CA GLN B 19 1.93 -10.98 -7.68
C GLN B 19 3.27 -11.65 -7.91
N TYR B 20 3.40 -12.85 -7.36
CA TYR B 20 4.59 -13.66 -7.59
C TYR B 20 4.24 -14.97 -8.24
N ARG B 21 5.21 -15.49 -8.96
CA ARG B 21 5.02 -16.73 -9.69
C ARG B 21 5.05 -17.87 -8.67
N SER B 22 4.05 -18.73 -8.81
CA SER B 22 4.03 -19.90 -7.91
C SER B 22 3.47 -21.07 -8.71
N GLY B 23 4.38 -21.99 -9.07
CA GLY B 23 4.12 -23.05 -10.02
C GLY B 23 3.66 -22.59 -11.39
N SER B 24 2.43 -22.99 -11.74
CA SER B 24 1.93 -22.68 -13.05
C SER B 24 0.99 -21.49 -12.98
N SER B 25 1.13 -20.76 -11.88
CA SER B 25 0.22 -19.65 -11.69
C SER B 25 0.93 -18.49 -11.03
N TRP B 26 0.13 -17.50 -10.71
CA TRP B 26 0.50 -16.27 -10.07
C TRP B 26 -0.33 -16.09 -8.81
N ALA B 27 0.28 -15.57 -7.76
CA ALA B 27 -0.39 -15.35 -6.49
C ALA B 27 -0.27 -13.88 -6.09
N HIS B 28 -1.37 -13.25 -5.76
CA HIS B 28 -1.33 -11.92 -5.18
C HIS B 28 -0.59 -11.96 -3.87
N THR B 29 0.32 -11.03 -3.67
CA THR B 29 1.00 -10.89 -2.41
C THR B 29 0.88 -9.49 -1.77
N CYS B 30 0.79 -8.47 -2.55
CA CYS B 30 0.83 -7.11 -1.99
C CYS B 30 0.12 -6.19 -2.97
N GLY B 31 -0.17 -4.99 -2.47
CA GLY B 31 -0.60 -3.90 -3.31
C GLY B 31 0.59 -3.04 -3.73
N GLY B 32 0.22 -2.01 -4.48
CA GLY B 32 1.14 -0.97 -4.89
C GLY B 32 0.34 0.14 -5.52
N THR B 33 1.05 1.23 -5.84
CA THR B 33 0.47 2.40 -6.50
C THR B 33 1.24 2.65 -7.76
N LEU B 34 0.56 2.75 -8.90
CA LEU B 34 1.19 3.14 -10.15
C LEU B 34 1.54 4.62 -10.05
N ILE B 35 2.79 5.01 -10.18
CA ILE B 35 3.16 6.40 -10.05
C ILE B 35 3.76 6.96 -11.34
N ARG B 36 4.21 6.12 -12.27
CA ARG B 36 4.56 6.52 -13.63
C ARG B 36 4.01 5.37 -14.50
N GLN B 37 3.92 5.57 -15.81
CA GLN B 37 3.47 4.47 -16.62
C GLN B 37 4.37 3.24 -16.50
N ASN B 38 5.63 3.41 -16.08
CA ASN B 38 6.55 2.28 -15.90
C ASN B 38 7.11 2.25 -14.51
N TRP B 39 6.45 2.81 -13.51
CA TRP B 39 6.95 2.70 -12.13
C TRP B 39 5.81 2.49 -11.13
N VAL B 40 6.03 1.55 -10.23
CA VAL B 40 5.09 1.30 -9.14
C VAL B 40 5.82 1.53 -7.81
N MET B 41 5.08 2.16 -6.87
CA MET B 41 5.50 2.33 -5.50
C MET B 41 4.86 1.27 -4.64
N THR B 42 5.64 0.55 -3.86
CA THR B 42 5.15 -0.47 -2.94
C THR B 42 5.98 -0.43 -1.68
N ALA B 43 5.76 -1.42 -0.80
CA ALA B 43 6.51 -1.54 0.42
C ALA B 43 7.78 -2.38 0.18
N ALA B 44 8.88 -1.97 0.77
CA ALA B 44 10.12 -2.77 0.70
C ALA B 44 9.88 -4.18 1.15
N HIS B 45 9.13 -4.37 2.22
CA HIS B 45 9.04 -5.73 2.77
C HIS B 45 8.36 -6.67 1.78
N CYS B 46 7.58 -6.13 0.85
CA CYS B 46 6.90 -6.93 -0.14
C CYS B 46 7.84 -7.64 -1.10
C CYS B 46 7.90 -7.47 -1.17
N VAL B 47 9.03 -7.07 -1.29
N VAL B 47 9.03 -6.77 -1.38
CA VAL B 47 9.96 -7.63 -2.27
CA VAL B 47 9.93 -7.10 -2.50
C VAL B 47 11.19 -8.13 -1.54
C VAL B 47 11.37 -7.33 -2.11
N ASP B 48 11.11 -8.44 -0.26
N ASP B 48 11.68 -7.45 -0.82
CA ASP B 48 12.29 -9.08 0.38
CA ASP B 48 13.04 -7.68 -0.33
C ASP B 48 12.58 -10.44 -0.21
C ASP B 48 13.21 -9.19 -0.18
N ARG B 49 11.54 -11.21 -0.59
N ARG B 49 13.04 -9.93 -1.25
CA ARG B 49 11.71 -12.54 -1.10
CA ARG B 49 13.20 -11.36 -1.27
C ARG B 49 12.20 -12.50 -2.57
C ARG B 49 13.48 -11.78 -2.71
N GLU B 50 13.12 -13.39 -2.95
N GLU B 50 13.39 -13.12 -2.91
CA GLU B 50 13.88 -13.54 -4.21
C GLU B 50 12.91 -13.99 -5.28
N LEU B 51 11.68 -13.61 -5.30
CA LEU B 51 10.62 -14.13 -6.15
C LEU B 51 10.60 -13.43 -7.52
N THR B 52 9.86 -14.08 -8.41
CA THR B 52 9.51 -13.49 -9.71
C THR B 52 8.22 -12.72 -9.54
N PHE B 53 8.27 -11.41 -9.81
CA PHE B 53 7.10 -10.56 -9.60
C PHE B 53 6.53 -10.07 -10.91
N ARG B 54 5.22 -9.86 -10.91
CA ARG B 54 4.55 -9.14 -11.97
C ARG B 54 3.57 -8.16 -11.30
N VAL B 55 3.25 -7.13 -12.03
CA VAL B 55 2.22 -6.16 -11.65
C VAL B 55 1.03 -6.32 -12.55
N VAL B 56 -0.13 -6.22 -11.94
CA VAL B 56 -1.39 -6.17 -12.69
C VAL B 56 -2.02 -4.83 -12.41
N VAL B 57 -2.23 -4.05 -13.47
CA VAL B 57 -2.99 -2.80 -13.42
C VAL B 57 -4.36 -3.06 -14.01
N GLY B 58 -5.34 -2.19 -13.67
CA GLY B 58 -6.68 -2.43 -14.22
C GLY B 58 -7.33 -3.66 -13.63
N GLU B 59 -6.91 -4.08 -12.46
CA GLU B 59 -7.45 -5.26 -11.80
C GLU B 59 -8.55 -4.91 -10.86
N HIS B 60 -9.58 -5.74 -10.80
CA HIS B 60 -10.68 -5.60 -9.84
C HIS B 60 -10.93 -6.87 -9.13
N ASN B 61 -11.15 -7.95 -9.86
CA ASN B 61 -11.40 -9.28 -9.27
C ASN B 61 -10.23 -10.19 -9.55
N LEU B 62 -9.53 -10.62 -8.53
CA LEU B 62 -8.34 -11.44 -8.74
C LEU B 62 -8.66 -12.76 -9.38
N ASN B 63 -9.90 -13.18 -9.30
CA ASN B 63 -10.28 -14.55 -9.69
C ASN B 63 -11.10 -14.58 -10.94
N GLN B 64 -11.39 -13.45 -11.61
N GLN B 64 -11.36 -13.44 -11.58
CA GLN B 64 -12.28 -13.36 -12.77
CA GLN B 64 -12.20 -13.39 -12.78
C GLN B 64 -11.68 -12.39 -13.77
C GLN B 64 -11.63 -12.40 -13.79
N ASN B 65 -11.90 -12.65 -15.07
CA ASN B 65 -11.57 -11.70 -16.09
C ASN B 65 -12.42 -10.42 -15.99
N ASN B 66 -11.78 -9.32 -15.78
CA ASN B 66 -12.49 -8.07 -15.72
C ASN B 66 -12.56 -7.37 -17.08
N GLY B 67 -11.76 -7.79 -18.03
CA GLY B 67 -11.71 -7.16 -19.33
C GLY B 67 -10.94 -5.85 -19.37
N THR B 68 -10.19 -5.55 -18.33
CA THR B 68 -9.46 -4.30 -18.17
C THR B 68 -8.02 -4.45 -17.71
N GLU B 69 -7.58 -5.67 -17.41
CA GLU B 69 -6.28 -5.86 -16.84
C GLU B 69 -5.17 -5.67 -17.87
N GLN B 70 -4.03 -5.18 -17.39
CA GLN B 70 -2.77 -5.26 -18.12
C GLN B 70 -1.77 -5.92 -17.18
N TYR B 71 -0.99 -6.85 -17.69
CA TYR B 71 -0.02 -7.64 -16.95
C TYR B 71 1.40 -7.27 -17.36
N VAL B 72 2.28 -6.99 -16.42
N VAL B 72 2.25 -6.91 -16.42
CA VAL B 72 3.62 -6.54 -16.83
CA VAL B 72 3.58 -6.42 -16.81
C VAL B 72 4.62 -7.00 -15.82
C VAL B 72 4.61 -7.00 -15.85
N GLY B 73 5.76 -7.47 -16.33
CA GLY B 73 6.82 -7.92 -15.48
C GLY B 73 7.53 -6.78 -14.77
N VAL B 74 8.10 -7.12 -13.61
CA VAL B 74 8.94 -6.21 -12.87
C VAL B 74 10.39 -6.38 -13.34
N GLN B 75 10.95 -5.32 -13.89
CA GLN B 75 12.27 -5.33 -14.46
C GLN B 75 13.36 -4.90 -13.51
N LYS B 76 13.10 -4.01 -12.58
CA LYS B 76 14.10 -3.56 -11.63
C LYS B 76 13.37 -3.25 -10.33
N ILE B 77 13.98 -3.59 -9.23
CA ILE B 77 13.49 -3.33 -7.88
C ILE B 77 14.48 -2.45 -7.17
N VAL B 78 14.03 -1.29 -6.69
CA VAL B 78 14.88 -0.37 -5.95
C VAL B 78 14.24 -0.21 -4.58
N VAL B 79 14.80 -0.87 -3.60
CA VAL B 79 14.38 -0.77 -2.22
C VAL B 79 15.04 0.44 -1.58
N HIS B 80 14.39 1.11 -0.65
CA HIS B 80 15.03 2.18 0.04
C HIS B 80 16.32 1.69 0.71
N PRO B 81 17.45 2.38 0.51
CA PRO B 81 18.72 1.86 1.02
C PRO B 81 18.81 1.74 2.51
N TYR B 82 17.95 2.37 3.31
N TYR B 82 17.88 2.38 3.21
CA TYR B 82 17.93 2.23 4.76
CA TYR B 82 17.99 2.29 4.66
C TYR B 82 16.93 1.23 5.26
C TYR B 82 17.09 1.18 5.17
N TRP B 83 16.22 0.56 4.36
CA TRP B 83 15.33 -0.51 4.84
C TRP B 83 16.09 -1.63 5.48
N ASN B 84 15.59 -2.13 6.58
CA ASN B 84 16.13 -3.30 7.26
C ASN B 84 14.98 -4.26 7.50
N THR B 85 15.02 -5.44 6.86
CA THR B 85 13.93 -6.40 6.96
C THR B 85 13.66 -6.90 8.37
N ASP B 86 14.65 -6.84 9.25
CA ASP B 86 14.67 -7.19 10.63
C ASP B 86 13.91 -6.19 11.47
N ASP B 87 13.59 -5.04 10.94
CA ASP B 87 13.18 -3.88 11.74
C ASP B 87 12.19 -3.00 10.99
N VAL B 88 10.96 -3.54 10.78
CA VAL B 88 9.93 -2.77 10.08
C VAL B 88 9.60 -1.46 10.83
N ALA B 89 9.72 -1.48 12.16
CA ALA B 89 9.46 -0.33 12.98
C ALA B 89 10.43 0.79 12.80
N ALA B 90 11.59 0.54 12.20
CA ALA B 90 12.53 1.61 11.90
C ALA B 90 12.07 2.48 10.74
N GLY B 91 11.13 1.97 9.95
CA GLY B 91 10.65 2.69 8.80
C GLY B 91 11.38 2.31 7.51
N TYR B 92 11.34 3.23 6.55
CA TYR B 92 11.93 3.04 5.25
C TYR B 92 11.26 1.89 4.50
N ASP B 93 10.00 1.60 4.80
CA ASP B 93 9.32 0.48 4.18
C ASP B 93 8.72 0.96 2.84
N ILE B 94 9.57 1.10 1.85
CA ILE B 94 9.19 1.63 0.56
C ILE B 94 10.16 1.11 -0.47
N ALA B 95 9.62 0.87 -1.67
CA ALA B 95 10.40 0.37 -2.78
C ALA B 95 9.74 0.86 -4.06
N LEU B 96 10.54 1.00 -5.10
CA LEU B 96 10.06 1.35 -6.41
C LEU B 96 10.36 0.22 -7.37
N LEU B 97 9.40 -0.10 -8.19
CA LEU B 97 9.47 -1.18 -9.21
C LEU B 97 9.40 -0.59 -10.56
N ARG B 98 10.45 -0.76 -11.40
CA ARG B 98 10.40 -0.34 -12.78
C ARG B 98 9.80 -1.51 -13.56
N LEU B 99 8.75 -1.21 -14.34
CA LEU B 99 8.05 -2.20 -15.10
C LEU B 99 8.73 -2.45 -16.46
N ALA B 100 8.59 -3.64 -16.95
CA ALA B 100 9.29 -4.00 -18.20
C ALA B 100 8.71 -3.26 -19.40
N GLN B 101 7.46 -2.89 -19.26
N GLN B 101 7.43 -2.92 -19.42
CA GLN B 101 6.75 -2.14 -20.26
CA GLN B 101 6.83 -2.06 -20.42
C GLN B 101 6.07 -0.95 -19.63
C GLN B 101 6.00 -1.00 -19.68
N SER B 102 5.74 0.09 -20.38
CA SER B 102 4.85 1.11 -19.93
C SER B 102 3.40 0.73 -20.12
N VAL B 103 2.59 0.87 -19.07
CA VAL B 103 1.20 0.55 -19.20
C VAL B 103 0.43 1.70 -19.89
N THR B 104 -0.74 1.35 -20.41
CA THR B 104 -1.62 2.32 -21.08
C THR B 104 -2.65 2.84 -20.08
N LEU B 105 -2.87 4.15 -20.02
CA LEU B 105 -3.74 4.79 -19.07
C LEU B 105 -5.16 4.81 -19.61
N ASN B 106 -6.13 4.69 -18.75
CA ASN B 106 -7.57 4.73 -19.08
C ASN B 106 -8.33 4.88 -17.76
N SER B 107 -9.68 4.75 -17.73
CA SER B 107 -10.37 5.00 -16.47
C SER B 107 -10.07 3.96 -15.43
N TYR B 108 -9.40 2.86 -15.83
CA TYR B 108 -9.05 1.83 -14.85
C TYR B 108 -7.59 1.88 -14.46
N VAL B 109 -6.79 2.67 -15.12
CA VAL B 109 -5.32 2.66 -14.99
C VAL B 109 -4.88 4.12 -15.04
N GLN B 110 -4.53 4.67 -13.90
CA GLN B 110 -4.12 6.07 -13.80
C GLN B 110 -2.97 6.18 -12.79
N LEU B 111 -2.19 7.24 -12.94
CA LEU B 111 -1.15 7.49 -11.96
C LEU B 111 -1.74 7.95 -10.63
N GLY B 112 -1.15 7.51 -9.54
CA GLY B 112 -1.50 7.99 -8.23
C GLY B 112 -0.89 9.35 -8.03
N VAL B 113 -1.64 10.26 -7.46
CA VAL B 113 -1.15 11.58 -7.13
C VAL B 113 -0.47 11.56 -5.78
N LEU B 114 0.76 12.04 -5.66
CA LEU B 114 1.45 12.01 -4.40
C LEU B 114 1.34 13.37 -3.75
N PRO B 115 1.38 13.44 -2.44
CA PRO B 115 1.36 14.72 -1.74
C PRO B 115 2.62 15.51 -1.94
N ARG B 116 2.50 16.80 -1.69
CA ARG B 116 3.70 17.62 -1.64
C ARG B 116 4.58 17.16 -0.50
N ALA B 117 5.89 17.31 -0.73
CA ALA B 117 6.88 16.91 0.27
C ALA B 117 6.63 17.58 1.61
N GLY B 118 6.72 16.83 2.70
CA GLY B 118 6.58 17.34 4.04
C GLY B 118 5.17 17.44 4.57
N THR B 119 4.15 17.17 3.71
CA THR B 119 2.77 17.33 4.15
C THR B 119 2.42 16.35 5.24
N ILE B 120 1.85 16.85 6.33
CA ILE B 120 1.34 16.04 7.43
C ILE B 120 -0.15 16.32 7.56
N LEU B 121 -0.93 15.27 7.61
CA LEU B 121 -2.36 15.41 7.74
C LEU B 121 -2.76 15.71 9.18
N ALA B 122 -3.76 16.57 9.33
CA ALA B 122 -4.33 16.80 10.63
C ALA B 122 -4.89 15.50 11.18
N ASN B 123 -4.94 15.37 12.52
CA ASN B 123 -5.57 14.21 13.13
C ASN B 123 -6.97 14.04 12.58
N ASN B 124 -7.39 12.82 12.40
CA ASN B 124 -8.73 12.47 11.99
C ASN B 124 -9.04 12.89 10.57
N SER B 125 -8.04 12.97 9.69
CA SER B 125 -8.28 13.27 8.30
C SER B 125 -8.89 12.10 7.56
N PRO B 126 -9.80 12.36 6.59
CA PRO B 126 -10.50 11.28 5.89
C PRO B 126 -9.60 10.61 4.87
N CYS B 127 -9.49 9.26 5.02
CA CYS B 127 -8.73 8.45 4.11
C CYS B 127 -9.42 7.12 3.90
N TYR B 128 -9.07 6.49 2.76
CA TYR B 128 -9.45 5.13 2.49
C TYR B 128 -8.20 4.29 2.26
N ILE B 129 -8.17 3.12 2.88
CA ILE B 129 -7.24 2.07 2.46
C ILE B 129 -7.94 1.25 1.40
N THR B 130 -7.17 0.76 0.41
CA THR B 130 -7.69 -0.18 -0.57
C THR B 130 -6.78 -1.40 -0.70
N GLY B 131 -7.36 -2.51 -1.05
CA GLY B 131 -6.54 -3.69 -1.31
C GLY B 131 -7.36 -4.97 -1.37
N TRP B 132 -6.64 -6.04 -1.71
CA TRP B 132 -7.18 -7.38 -1.80
C TRP B 132 -6.76 -8.23 -0.61
N GLY B 133 -6.20 -7.61 0.45
CA GLY B 133 -5.74 -8.34 1.60
C GLY B 133 -6.85 -9.06 2.34
N LEU B 134 -6.41 -9.80 3.38
CA LEU B 134 -7.33 -10.61 4.16
C LEU B 134 -8.49 -9.78 4.64
N THR B 135 -9.65 -10.43 4.64
CA THR B 135 -10.87 -9.77 5.10
C THR B 135 -11.17 -9.98 6.58
N ARG B 136 -10.40 -10.86 7.21
CA ARG B 136 -10.42 -11.07 8.66
C ARG B 136 -9.00 -11.40 9.05
N THR B 137 -8.66 -11.13 10.31
CA THR B 137 -7.41 -11.63 10.86
C THR B 137 -7.38 -13.14 10.65
N ASN B 138 -6.26 -13.64 10.14
CA ASN B 138 -6.08 -15.08 9.85
C ASN B 138 -7.14 -15.62 8.89
N GLY B 139 -7.63 -14.75 8.01
CA GLY B 139 -8.64 -15.10 7.03
C GLY B 139 -8.03 -15.33 5.67
N GLN B 140 -8.75 -14.94 4.66
CA GLN B 140 -8.33 -15.16 3.27
C GLN B 140 -8.43 -13.82 2.53
N LEU B 141 -7.66 -13.80 1.42
CA LEU B 141 -7.68 -12.62 0.54
C LEU B 141 -9.09 -12.37 0.02
N ALA B 142 -9.38 -11.11 -0.23
CA ALA B 142 -10.58 -10.73 -0.96
C ALA B 142 -10.46 -11.11 -2.41
N GLN B 143 -11.57 -11.45 -3.07
CA GLN B 143 -11.59 -11.59 -4.51
C GLN B 143 -11.67 -10.22 -5.19
N THR B 144 -12.54 -9.34 -4.73
CA THR B 144 -12.71 -8.04 -5.35
C THR B 144 -12.08 -6.98 -4.47
N LEU B 145 -11.57 -5.92 -5.10
CA LEU B 145 -10.89 -4.86 -4.41
C LEU B 145 -11.80 -4.27 -3.35
N GLN B 146 -11.26 -4.13 -2.14
CA GLN B 146 -11.99 -3.58 -0.99
C GLN B 146 -11.43 -2.22 -0.64
N GLN B 147 -12.30 -1.39 -0.04
CA GLN B 147 -11.91 -0.13 0.55
C GLN B 147 -12.43 -0.05 1.99
N ALA B 148 -11.72 0.63 2.85
CA ALA B 148 -12.24 0.92 4.17
C ALA B 148 -11.87 2.33 4.55
N TYR B 149 -12.80 3.03 5.19
CA TYR B 149 -12.60 4.38 5.68
C TYR B 149 -11.79 4.31 6.97
N LEU B 150 -10.59 4.85 6.93
CA LEU B 150 -9.65 4.85 8.04
C LEU B 150 -9.18 6.29 8.30
N PRO B 151 -9.67 6.92 9.36
N PRO B 151 -9.80 7.03 9.19
CA PRO B 151 -9.24 8.32 9.58
CA PRO B 151 -9.29 8.39 9.51
C PRO B 151 -7.86 8.33 10.20
C PRO B 151 -7.89 8.31 10.09
N THR B 152 -7.07 9.33 9.84
CA THR B 152 -5.72 9.33 10.39
C THR B 152 -5.72 9.49 11.89
N VAL B 153 -4.66 9.01 12.48
CA VAL B 153 -4.33 9.20 13.90
C VAL B 153 -2.98 9.86 13.95
N ASP B 154 -2.90 11.12 14.44
CA ASP B 154 -1.64 11.85 14.31
C ASP B 154 -0.53 11.20 15.15
N TYR B 155 0.67 11.69 14.90
CA TYR B 155 1.84 11.10 15.58
C TYR B 155 1.75 11.17 17.09
N ALA B 156 1.30 12.29 17.63
CA ALA B 156 1.24 12.43 19.08
C ALA B 156 0.36 11.36 19.70
N ILE B 157 -0.78 11.08 19.05
CA ILE B 157 -1.65 10.03 19.60
C ILE B 157 -1.10 8.67 19.27
N CYS B 158 -0.68 8.49 18.00
CA CYS B 158 -0.31 7.14 17.59
C CYS B 158 0.94 6.64 18.31
N SER B 159 1.84 7.52 18.66
CA SER B 159 3.02 7.12 19.39
C SER B 159 2.85 7.16 20.92
N SER B 160 1.64 7.43 21.39
CA SER B 160 1.31 7.28 22.82
C SER B 160 1.29 5.83 23.27
N SER B 161 1.38 5.66 24.58
CA SER B 161 1.62 4.31 25.12
C SER B 161 0.48 3.36 24.84
N SER B 162 -0.73 3.83 24.82
CA SER B 162 -1.89 2.99 24.55
C SER B 162 -2.02 2.56 23.09
N TYR B 163 -1.35 3.34 22.23
CA TYR B 163 -1.38 3.07 20.80
C TYR B 163 -0.11 2.31 20.45
N TRP B 164 0.75 2.84 19.61
CA TRP B 164 1.90 2.14 19.15
C TRP B 164 3.16 2.48 19.93
N GLY B 165 3.15 3.47 20.81
CA GLY B 165 4.39 3.82 21.52
C GLY B 165 5.50 4.15 20.57
N SER B 166 6.69 3.70 20.91
N SER B 166 6.76 3.88 20.87
CA SER B 166 7.96 3.91 20.27
CA SER B 166 7.72 4.42 19.90
C SER B 166 8.00 3.29 18.87
C SER B 166 7.87 3.47 18.72
N THR B 167 7.10 2.39 18.57
CA THR B 167 7.14 1.62 17.33
C THR B 167 6.85 2.50 16.11
N VAL B 168 5.96 3.49 16.28
CA VAL B 168 5.67 4.40 15.20
C VAL B 168 6.62 5.56 15.19
N LYS B 169 7.02 5.97 14.01
CA LYS B 169 7.93 7.03 13.72
C LYS B 169 7.19 8.15 12.96
N ASN B 170 7.78 9.32 12.99
CA ASN B 170 7.18 10.43 12.22
C ASN B 170 7.27 10.27 10.74
N SER B 171 8.02 9.30 10.26
CA SER B 171 8.06 8.93 8.85
C SER B 171 6.92 8.00 8.45
N MET B 172 5.96 7.81 9.34
CA MET B 172 4.83 6.94 9.11
C MET B 172 3.54 7.75 9.27
N VAL B 173 2.47 7.22 8.69
CA VAL B 173 1.11 7.67 8.94
C VAL B 173 0.34 6.53 9.59
N CYS B 174 -0.40 6.83 10.60
CA CYS B 174 -1.32 5.88 11.21
C CYS B 174 -2.74 6.20 10.78
N ALA B 175 -3.54 5.17 10.55
CA ALA B 175 -4.96 5.42 10.22
C ALA B 175 -5.78 4.27 10.75
N GLY B 176 -6.97 4.62 11.24
CA GLY B 176 -7.93 3.62 11.68
C GLY B 176 -7.80 3.37 13.18
N GLY B 177 -7.68 2.11 13.55
CA GLY B 177 -7.64 1.72 14.94
C GLY B 177 -8.95 1.61 15.65
N ASP B 178 -10.05 1.53 14.93
CA ASP B 178 -11.35 1.45 15.61
C ASP B 178 -11.74 0.05 16.03
N GLY B 179 -10.96 -0.97 15.76
CA GLY B 179 -11.24 -2.33 16.15
C GLY B 179 -12.10 -3.08 15.18
N VAL B 180 -12.56 -2.42 14.10
CA VAL B 180 -13.50 -2.97 13.11
C VAL B 180 -12.88 -3.02 11.72
N ARG B 181 -12.27 -1.91 11.31
CA ARG B 181 -11.75 -1.74 9.98
C ARG B 181 -10.22 -1.59 10.04
N SER B 182 -9.54 -2.19 9.08
N SER B 182 -9.56 -2.23 9.10
CA SER B 182 -8.08 -2.11 9.04
CA SER B 182 -8.10 -2.28 9.16
C SER B 182 -7.55 -2.65 7.73
C SER B 182 -7.47 -2.84 7.89
N GLY B 183 -6.26 -2.40 7.54
CA GLY B 183 -5.52 -3.24 6.59
C GLY B 183 -5.27 -4.61 7.17
N CYS B 184 -4.85 -5.53 6.31
CA CYS B 184 -4.48 -6.87 6.78
C CYS B 184 -3.50 -7.45 5.78
N GLN B 185 -3.01 -8.69 6.03
CA GLN B 185 -2.00 -9.25 5.18
C GLN B 185 -2.47 -9.27 3.74
N GLY B 186 -1.59 -8.88 2.83
CA GLY B 186 -1.93 -8.78 1.43
C GLY B 186 -2.32 -7.37 1.01
N ASP B 187 -2.55 -6.47 1.94
CA ASP B 187 -2.78 -5.04 1.65
C ASP B 187 -1.46 -4.28 1.60
N SER B 188 -0.41 -4.82 2.23
CA SER B 188 0.89 -4.18 2.32
C SER B 188 1.32 -3.67 0.95
N GLY B 189 1.95 -2.52 0.96
CA GLY B 189 2.44 -1.94 -0.26
C GLY B 189 1.45 -1.06 -0.98
N GLY B 190 0.15 -1.27 -0.72
CA GLY B 190 -0.86 -0.46 -1.39
C GLY B 190 -1.03 0.88 -0.77
N PRO B 191 -1.95 1.65 -1.40
CA PRO B 191 -2.16 3.04 -1.02
C PRO B 191 -3.07 3.24 0.18
N LEU B 192 -2.83 4.35 0.83
CA LEU B 192 -3.78 5.06 1.69
C LEU B 192 -4.12 6.36 0.94
N HIS B 193 -5.37 6.48 0.51
CA HIS B 193 -5.81 7.64 -0.27
C HIS B 193 -6.50 8.61 0.66
N CYS B 194 -6.03 9.85 0.67
CA CYS B 194 -6.57 10.86 1.59
C CYS B 194 -7.04 12.04 0.78
N LEU B 195 -8.25 12.54 1.15
CA LEU B 195 -8.89 13.63 0.44
C LEU B 195 -8.38 14.92 1.01
N VAL B 196 -7.68 15.72 0.22
CA VAL B 196 -7.08 16.96 0.62
C VAL B 196 -7.33 18.01 -0.46
N ASN B 197 -7.87 19.17 -0.15
CA ASN B 197 -8.27 20.20 -1.11
C ASN B 197 -9.03 19.68 -2.34
N GLY B 198 -9.92 18.78 -2.05
CA GLY B 198 -10.82 18.21 -2.94
C GLY B 198 -10.33 17.10 -3.80
N GLN B 199 -9.06 16.70 -3.60
N GLN B 199 -9.04 16.72 -3.70
CA GLN B 199 -8.36 15.75 -4.44
CA GLN B 199 -8.61 15.61 -4.54
C GLN B 199 -7.79 14.60 -3.61
C GLN B 199 -7.97 14.59 -3.57
N TYR B 200 -8.08 13.34 -3.98
CA TYR B 200 -7.40 12.26 -3.30
C TYR B 200 -5.93 12.19 -3.74
N ALA B 201 -5.07 11.96 -2.73
CA ALA B 201 -3.67 11.72 -2.97
C ALA B 201 -3.25 10.55 -2.15
N VAL B 202 -2.19 9.88 -2.57
CA VAL B 202 -1.68 8.68 -1.90
C VAL B 202 -0.66 9.12 -0.86
N HIS B 203 -1.16 9.20 0.40
CA HIS B 203 -0.35 9.64 1.52
C HIS B 203 0.39 8.50 2.19
N GLY B 204 -0.03 7.26 2.00
CA GLY B 204 0.57 6.15 2.70
C GLY B 204 0.83 4.98 1.79
N VAL B 205 1.84 4.18 2.19
CA VAL B 205 2.13 2.87 1.63
C VAL B 205 1.92 1.88 2.80
N THR B 206 0.96 0.98 2.68
CA THR B 206 0.62 0.13 3.80
C THR B 206 1.82 -0.69 4.24
N SER B 207 2.11 -0.61 5.56
CA SER B 207 3.35 -1.27 6.08
C SER B 207 3.03 -2.36 7.10
N PHE B 208 2.36 -2.06 8.20
CA PHE B 208 2.20 -3.07 9.24
C PHE B 208 0.97 -2.83 10.08
N VAL B 209 0.57 -3.94 10.75
CA VAL B 209 -0.46 -4.00 11.73
C VAL B 209 0.07 -4.68 12.99
N SER B 210 -0.74 -4.74 14.03
CA SER B 210 -0.34 -5.41 15.24
C SER B 210 -0.08 -6.89 15.05
N ARG B 211 0.89 -7.36 15.83
N ARG B 211 0.90 -7.52 15.71
CA ARG B 211 1.15 -8.78 16.01
CA ARG B 211 1.09 -8.96 15.61
C ARG B 211 -0.08 -9.47 16.60
C ARG B 211 -0.09 -9.72 16.21
N LEU B 212 -0.97 -8.74 17.29
N LEU B 212 -0.95 -9.07 16.99
CA LEU B 212 -2.20 -9.32 17.84
CA LEU B 212 -2.12 -9.58 17.70
C LEU B 212 -3.21 -9.65 16.79
C LEU B 212 -3.39 -9.48 16.91
N GLY B 213 -3.28 -8.85 15.73
CA GLY B 213 -4.35 -8.96 14.78
C GLY B 213 -4.40 -7.73 13.91
N CYS B 214 -5.22 -7.85 12.86
CA CYS B 214 -5.35 -6.74 11.91
C CYS B 214 -6.17 -5.61 12.49
N ASN B 215 -7.42 -5.86 12.83
CA ASN B 215 -8.34 -4.87 13.38
C ASN B 215 -8.29 -4.93 14.89
N VAL B 216 -7.48 -4.16 15.51
CA VAL B 216 -7.24 -4.15 16.97
C VAL B 216 -7.42 -2.72 17.38
N THR B 217 -8.25 -2.50 18.37
CA THR B 217 -8.50 -1.14 18.85
C THR B 217 -7.25 -0.53 19.37
N ARG B 218 -6.97 0.70 18.96
CA ARG B 218 -5.80 1.46 19.31
C ARG B 218 -4.53 0.90 18.74
N LYS B 219 -4.65 0.06 17.68
CA LYS B 219 -3.49 -0.34 16.88
C LYS B 219 -3.89 0.01 15.44
N PRO B 220 -3.92 1.27 15.11
CA PRO B 220 -4.25 1.66 13.71
C PRO B 220 -3.27 1.03 12.76
N THR B 221 -3.73 0.87 11.52
CA THR B 221 -2.82 0.43 10.47
C THR B 221 -1.73 1.46 10.28
N VAL B 222 -0.52 1.00 10.03
CA VAL B 222 0.61 1.90 9.90
C VAL B 222 1.12 1.83 8.47
N PHE B 223 1.37 3.04 7.95
CA PHE B 223 1.76 3.25 6.57
C PHE B 223 3.08 4.03 6.53
N THR B 224 3.90 3.76 5.52
CA THR B 224 5.01 4.66 5.23
C THR B 224 4.43 6.00 4.76
N ARG B 225 4.95 7.10 5.29
CA ARG B 225 4.43 8.43 4.90
C ARG B 225 5.08 8.85 3.59
N VAL B 226 4.32 8.79 2.52
CA VAL B 226 4.82 9.09 1.19
C VAL B 226 5.50 10.46 1.15
N SER B 227 4.93 11.44 1.84
CA SER B 227 5.44 12.81 1.74
C SER B 227 6.81 12.95 2.38
N ALA B 228 7.31 11.96 3.09
CA ALA B 228 8.69 11.96 3.58
C ALA B 228 9.68 11.48 2.57
N TYR B 229 9.21 10.93 1.44
CA TYR B 229 10.06 10.26 0.50
C TYR B 229 9.98 10.85 -0.89
N ILE B 230 9.43 12.05 -1.10
CA ILE B 230 9.27 12.59 -2.42
C ILE B 230 10.63 12.74 -3.11
N SER B 231 11.63 13.31 -2.43
CA SER B 231 12.92 13.46 -3.09
C SER B 231 13.57 12.13 -3.43
N TRP B 232 13.45 11.15 -2.53
CA TRP B 232 13.95 9.82 -2.79
C TRP B 232 13.33 9.23 -4.05
N ILE B 233 11.99 9.29 -4.12
CA ILE B 233 11.27 8.76 -5.25
C ILE B 233 11.75 9.44 -6.52
N ASN B 234 11.78 10.75 -6.53
CA ASN B 234 12.20 11.45 -7.75
C ASN B 234 13.63 11.12 -8.13
N ASN B 235 14.49 11.01 -7.12
CA ASN B 235 15.88 10.66 -7.42
C ASN B 235 15.99 9.30 -8.08
N VAL B 236 15.26 8.30 -7.55
CA VAL B 236 15.30 6.96 -8.14
C VAL B 236 14.80 6.97 -9.56
N ILE B 237 13.68 7.60 -9.79
CA ILE B 237 13.12 7.60 -11.16
C ILE B 237 14.09 8.31 -12.09
N ALA B 238 14.69 9.41 -11.68
CA ALA B 238 15.55 10.16 -12.57
C ALA B 238 16.84 9.43 -12.85
N SER B 239 17.30 8.49 -12.05
N SER B 239 17.23 8.58 -11.92
CA SER B 239 18.56 7.78 -12.25
CA SER B 239 18.46 7.81 -11.99
C SER B 239 18.38 6.37 -12.79
C SER B 239 18.22 6.68 -12.99
N ASN B 240 17.14 6.05 -13.06
N ASN B 240 17.14 5.96 -12.89
CA ASN B 240 16.77 4.76 -13.64
C ASN B 240 15.83 4.96 -14.81
S SO4 C . 1.98 -8.69 4.25
O1 SO4 C . 3.04 -8.37 3.25
O2 SO4 C . 2.38 -8.19 5.57
O3 SO4 C . 1.35 -10.03 4.12
O4 SO4 C . 0.84 -7.86 3.70
CA CA D . -9.39 -9.85 -12.89
S SO4 E . 9.53 15.50 6.16
O1 SO4 E . 9.69 14.64 7.32
O2 SO4 E . 9.27 16.88 6.55
O3 SO4 E . 8.48 15.05 5.29
O4 SO4 E . 10.78 15.46 5.26
#